data_4QH8
#
_entry.id   4QH8
#
_cell.length_a   36.627
_cell.length_b   44.802
_cell.length_c   85.895
_cell.angle_alpha   99.33
_cell.angle_beta   103.04
_cell.angle_gamma   91.79
#
_symmetry.space_group_name_H-M   'P 1'
#
loop_
_entity.id
_entity.type
_entity.pdbx_description
1 polymer 'Dynein light chain 1, cytoplasmic'
2 polymer 'Anastral spindle 2'
3 polymer 'Anastral spindle 2'
4 water water
#
loop_
_entity_poly.entity_id
_entity_poly.type
_entity_poly.pdbx_seq_one_letter_code
_entity_poly.pdbx_strand_id
1 'polypeptide(L)'
;GPLGSMSDRKAVIKNADMSEEMQQDAVDCATQALEKYNIEKDIAAYIKKEFDKKYNPTWHCIVGRNFGSYVTHETRHFIY
FYLGQVAILLFKSG
;
A,B,E,F,G,H
2 'polypeptide(L)' NYSSTTGTQCDIA C
3 'polypeptide(L)' NYSSTTGTQCDI D
#
# COMPACT_ATOMS: atom_id res chain seq x y z
N ARG A 9 39.50 -19.67 19.40
CA ARG A 9 38.60 -19.41 18.29
C ARG A 9 38.81 -20.37 17.11
N LYS A 10 37.80 -21.18 16.82
CA LYS A 10 37.86 -22.14 15.72
C LYS A 10 37.54 -21.46 14.39
N ALA A 11 38.43 -21.64 13.42
CA ALA A 11 38.23 -21.08 12.08
C ALA A 11 37.66 -22.15 11.17
N VAL A 12 36.55 -21.85 10.51
CA VAL A 12 35.91 -22.76 9.57
C VAL A 12 35.52 -22.03 8.29
N ILE A 13 36.17 -22.37 7.19
CA ILE A 13 35.88 -21.74 5.90
C ILE A 13 34.64 -22.36 5.27
N LYS A 14 33.60 -21.55 5.06
CA LYS A 14 32.34 -22.06 4.52
C LYS A 14 32.27 -22.00 2.99
N ASN A 15 32.52 -20.83 2.43
CA ASN A 15 32.57 -20.62 0.99
C ASN A 15 33.74 -19.73 0.64
N ALA A 16 34.61 -20.16 -0.29
CA ALA A 16 35.74 -19.33 -0.67
C ALA A 16 36.05 -19.37 -2.15
N ASP A 17 36.07 -18.20 -2.78
CA ASP A 17 36.66 -18.03 -4.10
C ASP A 17 37.85 -17.11 -3.91
N MET A 18 39.00 -17.71 -3.61
CA MET A 18 40.14 -16.96 -3.09
C MET A 18 41.31 -17.89 -2.88
N SER A 19 42.54 -17.38 -3.01
CA SER A 19 43.73 -18.21 -2.87
C SER A 19 43.93 -18.68 -1.43
N GLU A 20 44.60 -19.83 -1.29
CA GLU A 20 44.94 -20.40 0.00
C GLU A 20 45.44 -19.37 1.02
N GLU A 21 46.51 -18.66 0.68
CA GLU A 21 47.12 -17.77 1.65
C GLU A 21 46.37 -16.44 1.80
N MET A 22 45.61 -16.05 0.80
CA MET A 22 44.72 -14.90 0.99
C MET A 22 43.63 -15.28 1.99
N GLN A 23 43.14 -16.52 1.89
CA GLN A 23 42.17 -17.02 2.87
C GLN A 23 42.78 -16.99 4.25
N GLN A 24 44.00 -17.49 4.37
CA GLN A 24 44.70 -17.48 5.65
C GLN A 24 44.82 -16.05 6.18
N ASP A 25 45.04 -15.11 5.27
CA ASP A 25 45.14 -13.71 5.65
C ASP A 25 43.83 -13.16 6.18
N ALA A 26 42.72 -13.65 5.64
CA ALA A 26 41.42 -13.20 6.11
C ALA A 26 41.22 -13.63 7.55
N VAL A 27 41.63 -14.87 7.85
CA VAL A 27 41.51 -15.42 9.20
C VAL A 27 42.39 -14.67 10.19
N ASP A 28 43.67 -14.52 9.85
CA ASP A 28 44.63 -13.79 10.67
C ASP A 28 44.15 -12.38 10.98
N CYS A 29 43.73 -11.67 9.94
CA CYS A 29 43.22 -10.32 10.10
C CYS A 29 42.00 -10.27 11.01
N ALA A 30 41.02 -11.13 10.73
CA ALA A 30 39.83 -11.26 11.57
C ALA A 30 40.18 -11.58 13.02
N THR A 31 41.19 -12.41 13.22
CA THR A 31 41.70 -12.71 14.56
C THR A 31 42.18 -11.45 15.28
N GLN A 32 43.00 -10.65 14.61
CA GLN A 32 43.48 -9.39 15.21
C GLN A 32 42.31 -8.47 15.55
N ALA A 33 41.32 -8.41 14.66
CA ALA A 33 40.14 -7.57 14.86
C ALA A 33 39.35 -7.97 16.08
N LEU A 34 39.17 -9.28 16.27
CA LEU A 34 38.41 -9.80 17.41
C LEU A 34 39.15 -9.59 18.74
N GLU A 35 40.47 -9.52 18.69
CA GLU A 35 41.27 -9.27 19.88
C GLU A 35 41.18 -7.81 20.33
N LYS A 36 41.07 -6.90 19.37
CA LYS A 36 41.02 -5.47 19.69
C LYS A 36 39.61 -4.96 19.97
N TYR A 37 38.66 -5.32 19.09
CA TYR A 37 37.30 -4.78 19.14
C TYR A 37 36.24 -5.81 19.50
N ASN A 38 35.16 -5.34 20.14
CA ASN A 38 34.01 -6.20 20.45
C ASN A 38 32.77 -5.89 19.65
N ILE A 39 32.75 -4.76 18.96
CA ILE A 39 31.55 -4.39 18.24
C ILE A 39 31.68 -4.84 16.80
N GLU A 40 30.67 -5.56 16.31
CA GLU A 40 30.71 -6.14 14.98
C GLU A 40 31.09 -5.15 13.88
N LYS A 41 30.50 -3.95 13.93
CA LYS A 41 30.83 -2.91 12.95
C LYS A 41 32.30 -2.52 12.98
N ASP A 42 32.88 -2.40 14.18
CA ASP A 42 34.29 -2.03 14.31
C ASP A 42 35.20 -3.15 13.84
N ILE A 43 34.81 -4.38 14.19
CA ILE A 43 35.51 -5.56 13.71
C ILE A 43 35.47 -5.60 12.18
N ALA A 44 34.29 -5.37 11.63
CA ALA A 44 34.11 -5.32 10.18
C ALA A 44 34.99 -4.24 9.57
N ALA A 45 35.04 -3.09 10.23
CA ALA A 45 35.86 -1.99 9.75
C ALA A 45 37.34 -2.40 9.65
N TYR A 46 37.85 -3.00 10.71
CA TYR A 46 39.25 -3.40 10.78
C TYR A 46 39.65 -4.27 9.59
N ILE A 47 38.91 -5.35 9.38
CA ILE A 47 39.19 -6.29 8.32
C ILE A 47 39.16 -5.62 6.95
N LYS A 48 38.12 -4.83 6.70
CA LYS A 48 37.90 -4.18 5.42
C LYS A 48 39.08 -3.29 5.08
N LYS A 49 39.49 -2.47 6.03
CA LYS A 49 40.54 -1.49 5.83
C LYS A 49 41.90 -2.13 5.55
N GLU A 50 42.17 -3.25 6.21
CA GLU A 50 43.44 -3.93 6.01
C GLU A 50 43.50 -4.64 4.66
N PHE A 51 42.36 -5.08 4.15
CA PHE A 51 42.33 -5.73 2.85
C PHE A 51 42.40 -4.70 1.71
N ASP A 52 41.85 -3.51 1.95
CA ASP A 52 42.07 -2.38 1.06
C ASP A 52 43.57 -2.11 0.93
N LYS A 53 44.25 -2.06 2.08
CA LYS A 53 45.66 -1.74 2.14
C LYS A 53 46.54 -2.78 1.43
N LYS A 54 46.47 -4.03 1.85
CA LYS A 54 47.37 -5.06 1.33
C LYS A 54 47.04 -5.52 -0.09
N TYR A 55 45.76 -5.54 -0.44
CA TYR A 55 45.33 -6.13 -1.71
C TYR A 55 44.58 -5.18 -2.63
N ASN A 56 44.73 -3.88 -2.39
CA ASN A 56 44.05 -2.82 -3.15
C ASN A 56 42.54 -2.78 -2.88
N PRO A 57 41.93 -1.57 -2.93
CA PRO A 57 40.47 -1.43 -2.83
C PRO A 57 39.77 -2.14 -4.00
N THR A 58 38.48 -2.44 -3.93
CA THR A 58 37.60 -2.04 -2.82
C THR A 58 36.87 -3.23 -2.19
N TRP A 59 37.07 -3.41 -0.88
CA TRP A 59 36.49 -4.54 -0.16
C TRP A 59 35.32 -4.13 0.74
N HIS A 60 34.43 -5.08 1.03
CA HIS A 60 33.33 -4.84 1.95
C HIS A 60 33.27 -5.98 2.96
N CYS A 61 32.96 -5.68 4.21
CA CYS A 61 32.96 -6.70 5.25
C CYS A 61 31.67 -6.68 6.08
N ILE A 62 31.15 -7.88 6.34
CA ILE A 62 30.00 -8.06 7.22
C ILE A 62 30.37 -9.07 8.31
N VAL A 63 30.15 -8.71 9.56
CA VAL A 63 30.45 -9.60 10.69
C VAL A 63 29.21 -9.75 11.54
N GLY A 64 28.80 -10.97 11.84
CA GLY A 64 27.65 -11.13 12.70
C GLY A 64 27.39 -12.57 13.10
N ARG A 65 26.42 -12.78 13.97
CA ARG A 65 26.00 -14.13 14.33
C ARG A 65 24.75 -14.56 13.57
N ASN A 66 23.98 -13.58 13.10
CA ASN A 66 22.75 -13.92 12.39
C ASN A 66 22.44 -12.99 11.22
N PHE A 67 22.73 -13.48 10.02
CA PHE A 67 22.39 -12.78 8.80
C PHE A 67 22.49 -13.70 7.61
N GLY A 68 21.75 -13.36 6.57
CA GLY A 68 21.93 -13.93 5.26
C GLY A 68 22.31 -12.85 4.28
N SER A 69 22.98 -13.23 3.20
CA SER A 69 23.45 -12.24 2.24
C SER A 69 23.28 -12.76 0.83
N TYR A 70 23.31 -11.83 -0.12
CA TYR A 70 23.28 -12.17 -1.54
C TYR A 70 24.00 -11.05 -2.22
N VAL A 71 25.24 -11.31 -2.60
CA VAL A 71 26.14 -10.26 -3.07
C VAL A 71 26.80 -10.74 -4.35
N THR A 72 27.29 -9.80 -5.15
CA THR A 72 28.03 -10.14 -6.36
C THR A 72 29.50 -9.75 -6.18
N HIS A 73 30.38 -10.74 -6.29
CA HIS A 73 31.76 -10.51 -5.97
C HIS A 73 32.66 -10.74 -7.17
N GLU A 74 33.66 -9.87 -7.31
CA GLU A 74 34.72 -10.05 -8.27
C GLU A 74 35.41 -11.39 -8.01
N THR A 75 35.79 -12.07 -9.07
CA THR A 75 36.34 -13.43 -8.96
C THR A 75 37.64 -13.48 -8.14
N ARG A 76 37.85 -14.62 -7.48
CA ARG A 76 39.06 -14.83 -6.66
C ARG A 76 39.15 -13.89 -5.46
N HIS A 77 38.05 -13.22 -5.15
CA HIS A 77 38.02 -12.23 -4.09
C HIS A 77 36.76 -12.35 -3.23
N PHE A 78 36.49 -13.55 -2.75
CA PHE A 78 35.33 -13.77 -1.91
C PHE A 78 35.64 -14.81 -0.85
N ILE A 79 35.36 -14.47 0.41
CA ILE A 79 35.43 -15.45 1.48
C ILE A 79 34.26 -15.31 2.46
N TYR A 80 33.78 -16.45 2.95
CA TYR A 80 32.76 -16.48 3.97
C TYR A 80 33.19 -17.57 4.95
N PHE A 81 33.42 -17.17 6.20
CA PHE A 81 33.96 -18.09 7.18
C PHE A 81 33.48 -17.79 8.60
N TYR A 82 33.53 -18.80 9.45
CA TYR A 82 33.27 -18.60 10.86
C TYR A 82 34.60 -18.45 11.57
N LEU A 83 34.66 -17.56 12.54
CA LEU A 83 35.83 -17.49 13.41
C LEU A 83 35.26 -17.47 14.81
N GLY A 84 35.31 -18.61 15.48
CA GLY A 84 34.71 -18.74 16.79
C GLY A 84 33.20 -18.60 16.67
N GLN A 85 32.64 -17.63 17.38
CA GLN A 85 31.19 -17.49 17.45
C GLN A 85 30.59 -16.42 16.54
N VAL A 86 31.30 -16.03 15.49
CA VAL A 86 30.78 -15.06 14.54
C VAL A 86 31.06 -15.54 13.13
N ALA A 87 30.25 -15.05 12.19
CA ALA A 87 30.45 -15.35 10.77
C ALA A 87 30.99 -14.09 10.12
N ILE A 88 31.89 -14.25 9.17
CA ILE A 88 32.49 -13.11 8.52
C ILE A 88 32.40 -13.24 7.01
N LEU A 89 31.85 -12.20 6.40
CA LEU A 89 31.76 -12.10 4.94
C LEU A 89 32.67 -10.98 4.48
N LEU A 90 33.59 -11.31 3.56
CA LEU A 90 34.55 -10.34 3.05
C LEU A 90 34.69 -10.52 1.55
N PHE A 91 34.57 -9.44 0.78
CA PHE A 91 34.58 -9.56 -0.66
C PHE A 91 34.85 -8.28 -1.43
N LYS A 92 35.41 -8.42 -2.62
CA LYS A 92 35.51 -7.31 -3.58
C LYS A 92 34.29 -7.38 -4.49
N SER A 93 33.65 -6.24 -4.73
CA SER A 93 32.37 -6.20 -5.43
C SER A 93 32.35 -6.96 -6.76
N ARG B 9 6.70 -5.52 9.55
CA ARG B 9 5.62 -4.55 9.75
C ARG B 9 6.15 -3.13 9.90
N LYS B 10 6.75 -2.86 11.06
CA LYS B 10 7.25 -1.52 11.37
C LYS B 10 8.56 -1.20 10.69
N ALA B 11 8.53 -0.24 9.77
CA ALA B 11 9.73 0.21 9.08
C ALA B 11 10.38 1.37 9.83
N VAL B 12 11.70 1.31 9.97
CA VAL B 12 12.48 2.39 10.56
C VAL B 12 13.79 2.56 9.77
N ILE B 13 13.98 3.70 9.15
CA ILE B 13 15.19 3.93 8.36
C ILE B 13 16.32 4.47 9.26
N LYS B 14 17.46 3.79 9.28
CA LYS B 14 18.55 4.14 10.18
C LYS B 14 19.55 5.08 9.54
N ASN B 15 20.10 4.67 8.41
CA ASN B 15 20.93 5.54 7.59
C ASN B 15 20.49 5.36 6.17
N ALA B 16 20.39 6.46 5.44
CA ALA B 16 20.02 6.41 4.03
C ALA B 16 20.75 7.49 3.23
N ASP B 17 21.51 7.04 2.23
CA ASP B 17 22.05 7.91 1.22
C ASP B 17 21.31 7.52 -0.05
N MET B 18 20.07 7.98 -0.17
CA MET B 18 19.18 7.47 -1.21
C MET B 18 17.92 8.33 -1.25
N SER B 19 17.32 8.49 -2.43
CA SER B 19 16.13 9.33 -2.58
C SER B 19 15.01 8.81 -1.70
N GLU B 20 14.05 9.69 -1.37
CA GLU B 20 12.95 9.31 -0.49
C GLU B 20 12.04 8.29 -1.17
N GLU B 21 11.98 8.37 -2.49
CA GLU B 21 11.14 7.46 -3.26
C GLU B 21 11.76 6.08 -3.32
N MET B 22 13.05 6.02 -3.64
CA MET B 22 13.74 4.74 -3.77
C MET B 22 13.89 4.08 -2.40
N GLN B 23 13.88 4.89 -1.34
CA GLN B 23 13.83 4.37 0.01
C GLN B 23 12.50 3.65 0.23
N GLN B 24 11.41 4.34 -0.07
CA GLN B 24 10.08 3.76 0.14
C GLN B 24 9.89 2.50 -0.70
N ASP B 25 10.55 2.47 -1.86
CA ASP B 25 10.55 1.28 -2.70
C ASP B 25 11.28 0.12 -2.00
N ALA B 26 12.43 0.41 -1.40
CA ALA B 26 13.23 -0.61 -0.70
C ALA B 26 12.40 -1.25 0.40
N VAL B 27 11.65 -0.44 1.12
CA VAL B 27 10.71 -0.93 2.13
C VAL B 27 9.60 -1.81 1.52
N ASP B 28 8.98 -1.33 0.45
CA ASP B 28 7.91 -2.09 -0.21
C ASP B 28 8.42 -3.44 -0.76
N CYS B 29 9.59 -3.39 -1.39
CA CYS B 29 10.23 -4.58 -1.91
C CYS B 29 10.61 -5.58 -0.80
N ALA B 30 11.16 -5.09 0.30
CA ALA B 30 11.51 -5.96 1.42
C ALA B 30 10.26 -6.59 2.03
N THR B 31 9.16 -5.83 2.04
CA THR B 31 7.90 -6.32 2.58
C THR B 31 7.40 -7.51 1.74
N GLN B 32 7.52 -7.39 0.42
CA GLN B 32 7.20 -8.48 -0.50
C GLN B 32 8.07 -9.71 -0.21
N ALA B 33 9.35 -9.46 0.05
CA ALA B 33 10.30 -10.56 0.32
C ALA B 33 9.94 -11.34 1.57
N LEU B 34 9.58 -10.61 2.63
CA LEU B 34 9.21 -11.23 3.89
C LEU B 34 7.90 -11.99 3.78
N GLU B 35 7.02 -11.51 2.92
CA GLU B 35 5.75 -12.19 2.68
C GLU B 35 6.00 -13.55 2.01
N LYS B 36 6.92 -13.58 1.06
CA LYS B 36 7.21 -14.82 0.33
C LYS B 36 8.21 -15.77 1.02
N TYR B 37 9.27 -15.22 1.62
CA TYR B 37 10.36 -16.06 2.18
C TYR B 37 10.59 -15.88 3.68
N ASN B 38 11.18 -16.90 4.30
CA ASN B 38 11.50 -16.88 5.73
C ASN B 38 12.99 -16.86 6.00
N ILE B 39 13.77 -17.32 5.05
CA ILE B 39 15.21 -17.48 5.23
C ILE B 39 15.90 -16.21 4.77
N GLU B 40 16.82 -15.69 5.59
CA GLU B 40 17.39 -14.36 5.34
C GLU B 40 18.10 -14.30 3.99
N LYS B 41 18.81 -15.37 3.64
CA LYS B 41 19.49 -15.43 2.36
C LYS B 41 18.52 -15.27 1.17
N ASP B 42 17.35 -15.88 1.28
CA ASP B 42 16.36 -15.81 0.21
C ASP B 42 15.75 -14.43 0.13
N ILE B 43 15.47 -13.85 1.30
CA ILE B 43 14.96 -12.49 1.39
C ILE B 43 15.94 -11.51 0.74
N ALA B 44 17.21 -11.63 1.10
CA ALA B 44 18.25 -10.78 0.53
C ALA B 44 18.35 -10.97 -0.97
N ALA B 45 18.23 -12.22 -1.42
CA ALA B 45 18.26 -12.53 -2.84
C ALA B 45 17.13 -11.80 -3.57
N TYR B 46 15.93 -11.95 -3.03
CA TYR B 46 14.75 -11.32 -3.62
C TYR B 46 14.97 -9.82 -3.78
N ILE B 47 15.41 -9.19 -2.70
CA ILE B 47 15.62 -7.74 -2.74
C ILE B 47 16.73 -7.35 -3.71
N LYS B 48 17.86 -8.06 -3.68
CA LYS B 48 18.98 -7.74 -4.56
C LYS B 48 18.61 -7.89 -6.04
N LYS B 49 17.95 -8.99 -6.39
CA LYS B 49 17.58 -9.23 -7.79
C LYS B 49 16.60 -8.16 -8.30
N GLU B 50 15.61 -7.81 -7.48
CA GLU B 50 14.62 -6.81 -7.84
C GLU B 50 15.23 -5.44 -8.06
N PHE B 51 16.16 -5.05 -7.20
CA PHE B 51 16.84 -3.76 -7.36
C PHE B 51 17.81 -3.77 -8.55
N ASP B 52 18.39 -4.94 -8.84
CA ASP B 52 19.21 -5.09 -10.03
C ASP B 52 18.32 -4.96 -11.27
N LYS B 53 17.09 -5.43 -11.15
CA LYS B 53 16.12 -5.41 -12.25
C LYS B 53 15.60 -4.00 -12.55
N LYS B 54 15.27 -3.23 -11.51
CA LYS B 54 14.60 -1.95 -11.69
C LYS B 54 15.53 -0.74 -11.74
N TYR B 55 16.74 -0.88 -11.23
CA TYR B 55 17.65 0.26 -11.13
C TYR B 55 19.07 -0.08 -11.59
N ASN B 56 19.19 -1.12 -12.40
CA ASN B 56 20.48 -1.64 -12.91
C ASN B 56 21.41 -2.22 -11.85
N PRO B 57 22.19 -3.26 -12.23
CA PRO B 57 23.27 -3.80 -11.40
C PRO B 57 24.29 -2.72 -11.08
N THR B 58 25.15 -2.91 -10.07
CA THR B 58 25.18 -4.11 -9.24
C THR B 58 24.83 -3.80 -7.79
N TRP B 59 23.77 -4.44 -7.29
CA TRP B 59 23.38 -4.25 -5.89
C TRP B 59 23.84 -5.43 -5.02
N HIS B 60 23.90 -5.20 -3.72
CA HIS B 60 24.23 -6.25 -2.76
C HIS B 60 23.32 -6.06 -1.56
N CYS B 61 22.81 -7.16 -1.00
CA CYS B 61 21.86 -7.06 0.12
C CYS B 61 22.20 -7.96 1.30
N ILE B 62 22.02 -7.43 2.50
CA ILE B 62 22.26 -8.22 3.71
C ILE B 62 21.04 -8.10 4.63
N VAL B 63 20.54 -9.25 5.07
CA VAL B 63 19.35 -9.28 5.89
C VAL B 63 19.62 -10.06 7.15
N GLY B 64 19.34 -9.48 8.31
CA GLY B 64 19.65 -10.19 9.55
C GLY B 64 19.20 -9.53 10.82
N ARG B 65 19.29 -10.25 11.92
CA ARG B 65 18.89 -9.75 13.23
C ARG B 65 20.13 -9.42 14.05
N ASN B 66 21.28 -9.95 13.64
CA ASN B 66 22.52 -9.65 14.34
C ASN B 66 23.74 -9.58 13.43
N PHE B 67 24.12 -8.37 13.03
CA PHE B 67 25.32 -8.19 12.24
C PHE B 67 25.77 -6.74 12.27
N GLY B 68 27.04 -6.53 11.98
CA GLY B 68 27.58 -5.20 11.76
C GLY B 68 28.22 -5.19 10.39
N SER B 69 28.36 -4.02 9.79
CA SER B 69 28.98 -3.95 8.48
C SER B 69 29.89 -2.75 8.31
N TYR B 70 30.74 -2.82 7.29
CA TYR B 70 31.52 -1.68 6.87
C TYR B 70 31.75 -1.85 5.38
N VAL B 71 30.99 -1.13 4.58
CA VAL B 71 31.05 -1.27 3.13
C VAL B 71 31.29 0.07 2.46
N THR B 72 31.77 0.03 1.22
CA THR B 72 31.98 1.23 0.40
C THR B 72 30.89 1.33 -0.66
N HIS B 73 30.02 2.32 -0.51
CA HIS B 73 28.85 2.41 -1.37
C HIS B 73 28.92 3.57 -2.36
N GLU B 74 28.14 3.42 -3.43
CA GLU B 74 27.96 4.46 -4.43
C GLU B 74 27.12 5.58 -3.84
N THR B 75 27.43 6.81 -4.22
CA THR B 75 26.62 7.95 -3.82
C THR B 75 25.17 7.75 -4.24
N ARG B 76 24.24 8.10 -3.34
CA ARG B 76 22.80 7.99 -3.57
C ARG B 76 22.27 6.56 -3.72
N HIS B 77 23.12 5.57 -3.46
CA HIS B 77 22.71 4.17 -3.59
C HIS B 77 23.06 3.33 -2.36
N PHE B 78 22.66 3.82 -1.19
CA PHE B 78 22.90 3.14 0.08
C PHE B 78 21.70 3.30 1.00
N ILE B 79 21.24 2.19 1.58
CA ILE B 79 20.23 2.26 2.62
C ILE B 79 20.42 1.15 3.66
N TYR B 80 20.05 1.47 4.90
CA TYR B 80 20.12 0.53 6.00
C TYR B 80 18.88 0.76 6.86
N PHE B 81 18.04 -0.25 7.00
CA PHE B 81 16.78 -0.08 7.73
C PHE B 81 16.26 -1.31 8.43
N TYR B 82 15.34 -1.11 9.37
CA TYR B 82 14.68 -2.24 10.00
C TYR B 82 13.31 -2.36 9.37
N LEU B 83 12.80 -3.59 9.32
CA LEU B 83 11.44 -3.85 8.88
C LEU B 83 10.97 -4.96 9.77
N GLY B 84 10.08 -4.65 10.70
CA GLY B 84 9.72 -5.60 11.72
C GLY B 84 10.99 -5.88 12.51
N GLN B 85 11.20 -7.13 12.89
CA GLN B 85 12.38 -7.49 13.68
C GLN B 85 13.53 -8.05 12.82
N VAL B 86 13.83 -7.37 11.72
CA VAL B 86 14.96 -7.75 10.89
C VAL B 86 15.61 -6.47 10.33
N ALA B 87 16.95 -6.46 10.27
CA ALA B 87 17.68 -5.34 9.71
C ALA B 87 18.09 -5.63 8.28
N ILE B 88 18.10 -4.61 7.43
CA ILE B 88 18.37 -4.78 6.03
C ILE B 88 19.37 -3.76 5.50
N LEU B 89 20.46 -4.26 4.93
CA LEU B 89 21.45 -3.43 4.28
C LEU B 89 21.41 -3.68 2.77
N LEU B 90 21.28 -2.60 2.00
CA LEU B 90 21.16 -2.69 0.54
C LEU B 90 21.96 -1.56 -0.10
N PHE B 91 22.85 -1.90 -1.03
CA PHE B 91 23.72 -0.87 -1.59
C PHE B 91 24.41 -1.26 -2.91
N LYS B 92 24.78 -0.25 -3.68
CA LYS B 92 25.66 -0.44 -4.84
C LYS B 92 27.08 -0.07 -4.46
N SER B 93 28.05 -0.82 -4.98
CA SER B 93 29.45 -0.57 -4.64
C SER B 93 29.95 0.77 -5.20
N TYR C 2 35.26 -10.34 -14.35
CA TYR C 2 34.60 -11.62 -14.09
C TYR C 2 34.00 -11.66 -12.69
N SER C 3 32.67 -11.51 -12.61
CA SER C 3 31.98 -11.46 -11.33
C SER C 3 31.08 -12.68 -11.12
N SER C 4 30.95 -13.09 -9.86
CA SER C 4 30.07 -14.19 -9.50
C SER C 4 29.10 -13.81 -8.38
N THR C 5 27.97 -14.49 -8.33
CA THR C 5 26.91 -14.15 -7.38
C THR C 5 26.60 -15.32 -6.42
N THR C 6 26.67 -15.07 -5.12
CA THR C 6 26.47 -16.13 -4.13
C THR C 6 25.79 -15.64 -2.84
N GLY C 7 25.01 -16.53 -2.24
CA GLY C 7 24.30 -16.24 -1.01
C GLY C 7 24.92 -16.94 0.19
N THR C 8 24.81 -16.34 1.36
CA THR C 8 25.30 -16.95 2.59
C THR C 8 24.20 -16.90 3.63
N GLN C 9 24.20 -17.86 4.54
CA GLN C 9 23.23 -17.86 5.63
C GLN C 9 23.89 -18.37 6.90
N CYS C 10 23.68 -17.67 8.02
CA CYS C 10 24.18 -18.15 9.31
C CYS C 10 23.16 -17.90 10.41
N ASP C 11 23.19 -18.77 11.43
CA ASP C 11 22.38 -18.59 12.62
C ASP C 11 23.05 -19.36 13.76
N ILE C 12 24.16 -18.80 14.21
CA ILE C 12 24.98 -19.44 15.21
C ILE C 12 25.80 -18.37 15.90
N ALA C 13 25.39 -18.04 17.13
N SER D 3 30.64 8.16 -4.20
CA SER D 3 31.18 7.02 -3.46
C SER D 3 31.61 7.36 -2.03
N SER D 4 31.07 6.62 -1.06
CA SER D 4 31.45 6.80 0.33
C SER D 4 31.43 5.47 1.13
N THR D 5 31.83 5.56 2.39
CA THR D 5 31.92 4.39 3.26
C THR D 5 31.21 4.69 4.58
N THR D 6 30.49 3.71 5.11
CA THR D 6 29.76 3.90 6.36
C THR D 6 29.49 2.57 7.06
N GLY D 7 29.41 2.61 8.38
CA GLY D 7 29.22 1.42 9.18
C GLY D 7 27.80 1.26 9.66
N THR D 8 27.39 0.01 9.85
CA THR D 8 26.08 -0.29 10.41
C THR D 8 26.23 -1.32 11.54
N GLN D 9 25.33 -1.27 12.53
CA GLN D 9 25.36 -2.22 13.63
C GLN D 9 23.97 -2.53 14.14
N CYS D 10 23.63 -3.81 14.27
CA CYS D 10 22.33 -4.20 14.81
C CYS D 10 22.36 -5.35 15.81
N ASP D 11 21.42 -5.29 16.75
CA ASP D 11 21.16 -6.41 17.65
C ASP D 11 19.65 -6.70 17.57
N ILE D 12 19.05 -7.05 18.70
CA ILE D 12 17.60 -7.20 18.83
C ILE D 12 16.95 -8.00 17.69
N LYS E 10 -30.41 24.06 8.70
CA LYS E 10 -29.45 24.69 7.79
C LYS E 10 -28.01 24.31 8.14
N ALA E 11 -27.43 23.43 7.35
CA ALA E 11 -26.07 22.97 7.56
C ALA E 11 -25.04 24.02 7.11
N VAL E 12 -23.86 23.98 7.70
CA VAL E 12 -22.71 24.74 7.19
C VAL E 12 -21.64 23.76 6.75
N ILE E 13 -21.51 23.60 5.43
CA ILE E 13 -20.58 22.63 4.84
C ILE E 13 -19.23 23.28 4.63
N LYS E 14 -18.23 22.87 5.41
CA LYS E 14 -16.94 23.53 5.34
C LYS E 14 -16.06 22.92 4.27
N ASN E 15 -16.06 21.59 4.17
CA ASN E 15 -15.26 20.89 3.17
C ASN E 15 -16.04 19.76 2.54
N ALA E 16 -15.86 19.54 1.24
CA ALA E 16 -16.52 18.41 0.58
C ALA E 16 -15.81 18.08 -0.72
N ASP E 17 -15.79 16.79 -1.02
CA ASP E 17 -15.47 16.32 -2.35
C ASP E 17 -16.60 15.33 -2.57
N MET E 18 -17.69 15.80 -3.15
CA MET E 18 -18.96 15.06 -3.13
C MET E 18 -20.00 15.82 -3.97
N SER E 19 -20.83 15.10 -4.73
CA SER E 19 -21.89 15.74 -5.52
C SER E 19 -22.88 16.50 -4.62
N GLU E 20 -23.48 17.53 -5.20
CA GLU E 20 -24.55 18.26 -4.50
C GLU E 20 -25.69 17.37 -3.99
N GLU E 21 -26.13 16.39 -4.78
CA GLU E 21 -27.25 15.56 -4.33
C GLU E 21 -26.83 14.65 -3.16
N MET E 22 -25.63 14.11 -3.23
CA MET E 22 -25.14 13.31 -2.12
C MET E 22 -24.89 14.17 -0.88
N GLN E 23 -24.44 15.41 -1.07
CA GLN E 23 -24.22 16.29 0.09
C GLN E 23 -25.54 16.54 0.83
N GLN E 24 -26.58 16.83 0.07
CA GLN E 24 -27.89 17.08 0.64
C GLN E 24 -28.42 15.82 1.35
N ASP E 25 -28.20 14.65 0.75
CA ASP E 25 -28.52 13.41 1.42
C ASP E 25 -27.80 13.27 2.77
N ALA E 26 -26.51 13.65 2.82
CA ALA E 26 -25.74 13.56 4.06
C ALA E 26 -26.31 14.48 5.13
N VAL E 27 -26.62 15.70 4.74
CA VAL E 27 -27.22 16.67 5.65
C VAL E 27 -28.58 16.19 6.14
N ASP E 28 -29.42 15.73 5.22
CA ASP E 28 -30.74 15.19 5.58
C ASP E 28 -30.63 14.03 6.54
N CYS E 29 -29.68 13.13 6.27
CA CYS E 29 -29.46 11.97 7.13
C CYS E 29 -28.97 12.35 8.53
N ALA E 30 -28.02 13.28 8.61
CA ALA E 30 -27.49 13.70 9.91
C ALA E 30 -28.57 14.43 10.71
N THR E 31 -29.48 15.09 10.00
CA THR E 31 -30.57 15.83 10.63
C THR E 31 -31.50 14.85 11.36
N GLN E 32 -31.87 13.77 10.68
CA GLN E 32 -32.66 12.70 11.31
C GLN E 32 -31.92 12.09 12.49
N ALA E 33 -30.62 11.87 12.30
CA ALA E 33 -29.81 11.24 13.33
C ALA E 33 -29.85 12.05 14.63
N LEU E 34 -29.75 13.38 14.50
CA LEU E 34 -29.83 14.30 15.64
C LEU E 34 -31.23 14.37 16.24
N GLU E 35 -32.24 14.14 15.40
CA GLU E 35 -33.61 14.06 15.89
C GLU E 35 -33.83 12.78 16.71
N LYS E 36 -33.14 11.70 16.34
CA LYS E 36 -33.37 10.39 16.97
C LYS E 36 -32.42 10.05 18.13
N TYR E 37 -31.21 10.60 18.10
CA TYR E 37 -30.21 10.24 19.09
C TYR E 37 -29.52 11.47 19.66
N ASN E 38 -28.99 11.34 20.87
CA ASN E 38 -28.26 12.42 21.51
C ASN E 38 -26.79 12.05 21.63
N ILE E 39 -26.52 10.79 21.92
CA ILE E 39 -25.16 10.32 22.10
C ILE E 39 -24.44 10.28 20.76
N GLU E 40 -23.21 10.80 20.72
CA GLU E 40 -22.49 11.01 19.46
C GLU E 40 -22.13 9.73 18.69
N LYS E 41 -21.74 8.68 19.42
CA LYS E 41 -21.47 7.38 18.82
C LYS E 41 -22.70 6.80 18.14
N ASP E 42 -23.89 7.04 18.71
CA ASP E 42 -25.12 6.53 18.10
C ASP E 42 -25.55 7.34 16.90
N ILE E 43 -25.32 8.65 16.97
CA ILE E 43 -25.59 9.53 15.84
C ILE E 43 -24.72 9.10 14.64
N ALA E 44 -23.42 8.85 14.88
CA ALA E 44 -22.51 8.40 13.83
C ALA E 44 -22.87 7.03 13.27
N ALA E 45 -23.27 6.12 14.16
CA ALA E 45 -23.69 4.78 13.77
C ALA E 45 -24.86 4.84 12.80
N TYR E 46 -25.85 5.64 13.14
CA TYR E 46 -27.03 5.81 12.31
C TYR E 46 -26.64 6.31 10.92
N ILE E 47 -25.84 7.37 10.87
CA ILE E 47 -25.44 7.97 9.59
C ILE E 47 -24.64 6.96 8.75
N LYS E 48 -23.59 6.39 9.33
CA LYS E 48 -22.74 5.39 8.66
C LYS E 48 -23.55 4.23 8.03
N LYS E 49 -24.42 3.65 8.83
CA LYS E 49 -25.25 2.53 8.37
C LYS E 49 -26.22 2.91 7.27
N GLU E 50 -26.85 4.08 7.39
CA GLU E 50 -27.76 4.54 6.34
C GLU E 50 -27.01 4.76 5.03
N PHE E 51 -25.83 5.35 5.11
CA PHE E 51 -25.04 5.57 3.90
C PHE E 51 -24.48 4.28 3.29
N ASP E 52 -24.12 3.31 4.11
CA ASP E 52 -23.72 2.00 3.59
C ASP E 52 -24.85 1.39 2.76
N LYS E 53 -26.08 1.58 3.20
CA LYS E 53 -27.22 1.00 2.48
C LYS E 53 -27.50 1.78 1.21
N LYS E 54 -27.60 3.09 1.35
CA LYS E 54 -28.01 3.94 0.25
C LYS E 54 -26.92 4.02 -0.84
N TYR E 55 -25.67 4.07 -0.43
CA TYR E 55 -24.58 4.28 -1.38
C TYR E 55 -23.51 3.18 -1.43
N ASN E 56 -23.82 2.03 -0.83
CA ASN E 56 -22.93 0.87 -0.71
C ASN E 56 -21.82 1.10 0.31
N PRO E 57 -21.32 0.03 0.94
CA PRO E 57 -20.17 0.18 1.84
C PRO E 57 -18.94 0.70 1.07
N THR E 58 -17.94 1.29 1.75
CA THR E 58 -17.80 1.28 3.19
C THR E 58 -17.65 2.72 3.69
N TRP E 59 -18.55 3.16 4.57
CA TRP E 59 -18.50 4.55 5.04
C TRP E 59 -17.99 4.65 6.48
N HIS E 60 -17.44 5.80 6.85
CA HIS E 60 -16.95 6.01 8.20
C HIS E 60 -17.53 7.33 8.69
N CYS E 61 -17.92 7.41 9.95
CA CYS E 61 -18.54 8.64 10.43
C CYS E 61 -18.07 9.10 11.80
N ILE E 62 -17.71 10.38 11.89
CA ILE E 62 -17.29 11.00 13.15
C ILE E 62 -18.27 12.11 13.45
N VAL E 63 -18.75 12.18 14.69
CA VAL E 63 -19.68 13.22 15.08
C VAL E 63 -19.19 13.82 16.41
N GLY E 64 -19.06 15.14 16.49
CA GLY E 64 -18.59 15.73 17.74
C GLY E 64 -18.58 17.24 17.76
N ARG E 65 -18.54 17.80 18.97
CA ARG E 65 -18.45 19.24 19.13
C ARG E 65 -17.01 19.72 19.18
N ASN E 66 -16.06 18.80 19.38
CA ASN E 66 -14.65 19.19 19.38
C ASN E 66 -13.69 18.13 18.87
N PHE E 67 -13.28 18.26 17.61
CA PHE E 67 -12.30 17.37 17.02
C PHE E 67 -11.68 17.98 15.78
N GLY E 68 -10.49 17.48 15.43
CA GLY E 68 -9.84 17.82 14.19
C GLY E 68 -9.49 16.48 13.56
N SER E 69 -9.30 16.44 12.26
CA SER E 69 -9.07 15.13 11.66
C SER E 69 -8.11 15.23 10.50
N TYR E 70 -7.57 14.09 10.10
CA TYR E 70 -6.77 14.02 8.89
C TYR E 70 -6.98 12.62 8.33
N VAL E 71 -7.77 12.54 7.28
CA VAL E 71 -8.16 11.25 6.72
C VAL E 71 -7.88 11.23 5.22
N THR E 72 -7.82 10.05 4.63
CA THR E 72 -7.62 9.96 3.19
C THR E 72 -8.89 9.42 2.56
N HIS E 73 -9.54 10.22 1.71
CA HIS E 73 -10.87 9.81 1.22
C HIS E 73 -10.86 9.32 -0.22
N GLU E 74 -11.84 8.49 -0.56
CA GLU E 74 -12.10 8.14 -1.95
C GLU E 74 -12.68 9.33 -2.71
N THR E 75 -12.26 9.51 -3.96
CA THR E 75 -12.73 10.63 -4.75
C THR E 75 -14.27 10.70 -4.78
N ARG E 76 -14.81 11.90 -4.55
CA ARG E 76 -16.25 12.18 -4.58
C ARG E 76 -17.04 11.60 -3.39
N HIS E 77 -16.35 11.15 -2.34
CA HIS E 77 -17.02 10.62 -1.16
C HIS E 77 -16.48 11.16 0.17
N PHE E 78 -16.64 12.46 0.39
CA PHE E 78 -16.10 13.11 1.59
C PHE E 78 -16.92 14.36 1.88
N ILE E 79 -17.34 14.53 3.13
CA ILE E 79 -18.02 15.79 3.50
C ILE E 79 -17.76 16.05 4.97
N TYR E 80 -17.55 17.32 5.29
CA TYR E 80 -17.30 17.77 6.65
C TYR E 80 -18.20 18.97 6.84
N PHE E 81 -19.15 18.87 7.77
CA PHE E 81 -20.16 19.92 7.88
C PHE E 81 -20.68 20.03 9.29
N TYR E 82 -21.29 21.18 9.59
CA TYR E 82 -21.86 21.44 10.90
C TYR E 82 -23.38 21.53 10.86
N LEU E 83 -24.03 20.99 11.87
CA LEU E 83 -25.42 21.28 12.17
C LEU E 83 -25.38 21.93 13.55
N GLY E 84 -25.60 23.24 13.63
CA GLY E 84 -25.39 23.98 14.85
C GLY E 84 -23.90 23.91 15.18
N GLN E 85 -23.58 23.48 16.40
CA GLN E 85 -22.18 23.41 16.82
C GLN E 85 -21.64 21.99 16.76
N VAL E 86 -22.42 21.08 16.18
CA VAL E 86 -22.01 19.68 16.04
C VAL E 86 -21.44 19.43 14.65
N ALA E 87 -20.19 18.97 14.60
CA ALA E 87 -19.55 18.68 13.31
C ALA E 87 -19.76 17.22 12.96
N ILE E 88 -19.95 16.97 11.66
CA ILE E 88 -20.09 15.61 11.15
C ILE E 88 -19.07 15.42 10.04
N LEU E 89 -18.23 14.40 10.17
CA LEU E 89 -17.28 13.99 9.13
C LEU E 89 -17.77 12.63 8.61
N LEU E 90 -17.93 12.53 7.29
CA LEU E 90 -18.50 11.31 6.67
C LEU E 90 -17.78 11.03 5.36
N PHE E 91 -17.22 9.83 5.20
CA PHE E 91 -16.38 9.57 4.03
C PHE E 91 -16.18 8.08 3.76
N LYS E 92 -15.84 7.75 2.52
CA LYS E 92 -15.28 6.44 2.21
C LYS E 92 -13.78 6.62 2.09
N SER E 93 -13.03 5.60 2.51
CA SER E 93 -11.58 5.66 2.52
C SER E 93 -11.02 5.57 1.10
N GLY E 94 -9.92 6.27 0.86
CA GLY E 94 -9.12 6.05 -0.31
C GLY E 94 -8.34 4.74 -0.17
N ALA F 11 -1.44 7.17 29.17
CA ALA F 11 -2.50 6.88 28.21
C ALA F 11 -3.53 5.91 28.77
N VAL F 12 -4.80 6.19 28.47
CA VAL F 12 -5.87 5.27 28.81
C VAL F 12 -6.38 4.62 27.52
N ILE F 13 -6.01 3.36 27.29
CA ILE F 13 -6.44 2.66 26.10
C ILE F 13 -7.87 2.11 26.23
N LYS F 14 -8.79 2.70 25.46
CA LYS F 14 -10.21 2.45 25.61
C LYS F 14 -10.75 1.33 24.73
N ASN F 15 -10.08 1.07 23.62
CA ASN F 15 -10.50 0.05 22.68
C ASN F 15 -9.39 -0.19 21.66
N ALA F 16 -9.08 -1.45 21.40
CA ALA F 16 -7.98 -1.74 20.50
C ALA F 16 -8.07 -3.08 19.78
N ASP F 17 -7.61 -3.08 18.54
CA ASP F 17 -7.34 -4.29 17.79
C ASP F 17 -6.02 -4.05 17.05
N MET F 18 -4.91 -4.31 17.74
CA MET F 18 -3.60 -3.95 17.22
C MET F 18 -2.51 -4.66 18.01
N SER F 19 -1.41 -4.99 17.33
CA SER F 19 -0.28 -5.65 17.96
C SER F 19 0.30 -4.75 19.03
N GLU F 20 1.06 -5.36 19.95
CA GLU F 20 1.55 -4.62 21.11
C GLU F 20 2.56 -3.53 20.80
N GLU F 21 3.48 -3.83 19.88
CA GLU F 21 4.48 -2.85 19.46
C GLU F 21 3.80 -1.67 18.78
N MET F 22 2.68 -1.95 18.10
CA MET F 22 2.00 -0.92 17.33
C MET F 22 1.12 -0.05 18.23
N GLN F 23 0.47 -0.65 19.21
CA GLN F 23 -0.28 0.12 20.22
C GLN F 23 0.67 1.07 20.94
N GLN F 24 1.81 0.54 21.35
CA GLN F 24 2.84 1.34 22.02
C GLN F 24 3.32 2.46 21.12
N ASP F 25 3.47 2.15 19.85
CA ASP F 25 3.93 3.12 18.87
C ASP F 25 2.90 4.23 18.66
N ALA F 26 1.61 3.87 18.72
CA ALA F 26 0.52 4.82 18.59
C ALA F 26 0.54 5.84 19.73
N VAL F 27 0.66 5.34 20.96
CA VAL F 27 0.79 6.21 22.14
C VAL F 27 2.04 7.09 22.04
N ASP F 28 3.18 6.49 21.70
CA ASP F 28 4.41 7.25 21.55
C ASP F 28 4.26 8.38 20.54
N CYS F 29 3.79 8.03 19.34
CA CYS F 29 3.56 9.01 18.29
C CYS F 29 2.66 10.17 18.74
N ALA F 30 1.54 9.81 19.36
CA ALA F 30 0.58 10.79 19.84
C ALA F 30 1.17 11.66 20.94
N THR F 31 1.96 11.08 21.82
CA THR F 31 2.63 11.86 22.85
C THR F 31 3.53 12.89 22.20
N GLN F 32 4.30 12.48 21.19
CA GLN F 32 5.18 13.41 20.50
C GLN F 32 4.37 14.47 19.76
N ALA F 33 3.20 14.09 19.25
CA ALA F 33 2.36 15.00 18.49
C ALA F 33 1.84 16.10 19.42
N LEU F 34 1.40 15.68 20.59
CA LEU F 34 0.84 16.59 21.59
C LEU F 34 1.93 17.49 22.18
N GLU F 35 3.16 17.00 22.23
CA GLU F 35 4.28 17.81 22.67
C GLU F 35 4.50 18.95 21.68
N LYS F 36 4.37 18.63 20.39
CA LYS F 36 4.76 19.54 19.33
C LYS F 36 3.66 20.51 18.87
N TYR F 37 2.41 20.02 18.81
CA TYR F 37 1.31 20.77 18.20
C TYR F 37 0.17 21.06 19.16
N ASN F 38 -0.47 22.23 19.00
CA ASN F 38 -1.64 22.58 19.80
C ASN F 38 -2.97 22.43 19.06
N ILE F 39 -2.91 22.44 17.73
CA ILE F 39 -4.13 22.40 16.92
C ILE F 39 -4.47 20.95 16.55
N GLU F 40 -5.71 20.56 16.80
CA GLU F 40 -6.10 19.14 16.74
C GLU F 40 -5.88 18.52 15.39
N LYS F 41 -6.21 19.27 14.33
CA LYS F 41 -5.98 18.81 12.97
C LYS F 41 -4.50 18.54 12.67
N ASP F 42 -3.63 19.38 13.25
CA ASP F 42 -2.18 19.23 13.10
C ASP F 42 -1.66 17.99 13.81
N ILE F 43 -2.17 17.77 15.02
CA ILE F 43 -1.85 16.57 15.78
C ILE F 43 -2.28 15.32 15.01
N ALA F 44 -3.52 15.31 14.51
CA ALA F 44 -4.03 14.18 13.73
C ALA F 44 -3.17 13.94 12.47
N ALA F 45 -2.80 15.02 11.77
CA ALA F 45 -1.97 14.87 10.58
C ALA F 45 -0.60 14.27 10.89
N TYR F 46 -0.01 14.72 11.99
CA TYR F 46 1.31 14.21 12.42
C TYR F 46 1.25 12.73 12.61
N ILE F 47 0.26 12.30 13.37
CA ILE F 47 0.09 10.87 13.68
C ILE F 47 -0.20 10.06 12.42
N LYS F 48 -1.19 10.49 11.63
CA LYS F 48 -1.58 9.79 10.41
C LYS F 48 -0.36 9.59 9.52
N LYS F 49 0.41 10.65 9.34
CA LYS F 49 1.57 10.64 8.44
C LYS F 49 2.70 9.70 8.90
N GLU F 50 2.96 9.68 10.19
CA GLU F 50 3.97 8.77 10.75
C GLU F 50 3.57 7.31 10.55
N PHE F 51 2.31 6.99 10.86
CA PHE F 51 1.82 5.62 10.71
C PHE F 51 1.79 5.18 9.25
N ASP F 52 1.45 6.08 8.35
CA ASP F 52 1.55 5.84 6.92
C ASP F 52 2.98 5.48 6.49
N LYS F 53 3.96 6.11 7.10
CA LYS F 53 5.35 5.91 6.68
C LYS F 53 5.95 4.64 7.33
N LYS F 54 5.55 4.36 8.55
CA LYS F 54 6.14 3.26 9.29
C LYS F 54 5.36 1.95 9.16
N TYR F 55 4.06 2.05 8.91
CA TYR F 55 3.20 0.88 8.82
C TYR F 55 2.39 0.80 7.52
N ASN F 56 2.85 1.51 6.50
CA ASN F 56 2.24 1.58 5.17
C ASN F 56 0.84 2.21 5.16
N PRO F 57 0.51 2.95 4.09
CA PRO F 57 -0.83 3.55 4.01
C PRO F 57 -1.92 2.45 3.94
N THR F 58 -3.19 2.78 4.20
CA THR F 58 -3.69 4.14 4.42
C THR F 58 -4.29 4.28 5.81
N TRP F 59 -3.77 5.23 6.61
CA TRP F 59 -4.30 5.46 7.95
C TRP F 59 -5.23 6.69 8.02
N HIS F 60 -6.09 6.73 9.03
CA HIS F 60 -6.96 7.88 9.31
C HIS F 60 -6.88 8.19 10.80
N CYS F 61 -6.90 9.47 11.14
CA CYS F 61 -6.77 9.86 12.54
C CYS F 61 -7.66 11.04 12.89
N ILE F 62 -8.33 10.93 14.03
CA ILE F 62 -9.20 11.97 14.55
C ILE F 62 -8.66 12.32 15.93
N VAL F 63 -8.58 13.60 16.26
CA VAL F 63 -8.05 14.02 17.58
C VAL F 63 -8.99 15.07 18.15
N GLY F 64 -9.43 14.91 19.40
CA GLY F 64 -10.36 15.87 19.97
C GLY F 64 -10.78 15.60 21.40
N ARG F 65 -11.44 16.60 22.00
CA ARG F 65 -11.89 16.49 23.37
C ARG F 65 -13.35 16.04 23.44
N ASN F 66 -14.12 16.20 22.36
CA ASN F 66 -15.51 15.72 22.35
C ASN F 66 -15.94 15.16 21.00
N PHE F 67 -15.85 13.85 20.83
CA PHE F 67 -16.43 13.24 19.64
C PHE F 67 -16.75 11.78 19.87
N GLY F 68 -17.59 11.24 18.99
CA GLY F 68 -17.91 9.83 18.97
C GLY F 68 -17.74 9.34 17.55
N SER F 69 -17.46 8.06 17.38
CA SER F 69 -17.20 7.57 16.03
C SER F 69 -17.93 6.26 15.72
N TYR F 70 -18.16 6.02 14.43
CA TYR F 70 -18.60 4.71 13.98
C TYR F 70 -17.97 4.43 12.61
N VAL F 71 -16.98 3.56 12.62
CA VAL F 71 -16.15 3.33 11.44
C VAL F 71 -16.04 1.83 11.21
N THR F 72 -15.59 1.45 10.03
CA THR F 72 -15.34 0.04 9.75
C THR F 72 -13.85 -0.14 9.65
N HIS F 73 -13.27 -0.78 10.65
CA HIS F 73 -11.83 -0.85 10.75
C HIS F 73 -11.30 -2.23 10.37
N GLU F 74 -10.13 -2.24 9.74
CA GLU F 74 -9.48 -3.46 9.33
C GLU F 74 -8.87 -4.14 10.55
N THR F 75 -8.84 -5.47 10.51
CA THR F 75 -8.26 -6.24 11.60
C THR F 75 -6.80 -5.89 11.84
N ARG F 76 -6.41 -5.83 13.12
CA ARG F 76 -5.05 -5.51 13.57
C ARG F 76 -4.64 -4.05 13.34
N HIS F 77 -5.58 -3.20 12.93
CA HIS F 77 -5.26 -1.80 12.67
C HIS F 77 -6.29 -0.80 13.22
N PHE F 78 -6.51 -0.84 14.54
CA PHE F 78 -7.48 0.04 15.19
C PHE F 78 -7.09 0.39 16.62
N ILE F 79 -7.09 1.67 16.96
CA ILE F 79 -6.97 2.10 18.37
C ILE F 79 -7.75 3.36 18.72
N TYR F 80 -8.25 3.37 19.95
CA TYR F 80 -8.99 4.49 20.49
C TYR F 80 -8.54 4.68 21.93
N PHE F 81 -7.79 5.75 22.18
CA PHE F 81 -7.22 6.00 23.51
C PHE F 81 -7.27 7.47 23.94
N TYR F 82 -7.06 7.69 25.24
CA TYR F 82 -7.07 9.03 25.79
C TYR F 82 -5.66 9.43 26.24
N LEU F 83 -5.32 10.70 26.05
CA LEU F 83 -4.16 11.31 26.68
C LEU F 83 -4.63 12.59 27.35
N GLY F 84 -4.85 12.50 28.66
CA GLY F 84 -5.51 13.56 29.38
C GLY F 84 -6.93 13.68 28.87
N GLN F 85 -7.31 14.90 28.50
CA GLN F 85 -8.67 15.17 28.06
C GLN F 85 -8.80 15.03 26.54
N VAL F 86 -7.71 14.73 25.87
CA VAL F 86 -7.73 14.54 24.41
C VAL F 86 -7.87 13.07 23.99
N ALA F 87 -8.87 12.80 23.16
CA ALA F 87 -9.06 11.46 22.62
C ALA F 87 -8.50 11.35 21.20
N ILE F 88 -7.87 10.21 20.92
CA ILE F 88 -7.28 9.90 19.62
C ILE F 88 -7.84 8.63 19.05
N LEU F 89 -8.31 8.72 17.82
CA LEU F 89 -8.78 7.55 17.08
C LEU F 89 -7.88 7.35 15.88
N LEU F 90 -7.33 6.15 15.74
CA LEU F 90 -6.36 5.88 14.69
C LEU F 90 -6.65 4.51 14.12
N PHE F 91 -6.85 4.44 12.81
CA PHE F 91 -7.29 3.19 12.20
C PHE F 91 -7.03 3.12 10.70
N LYS F 92 -7.05 1.90 10.16
CA LYS F 92 -7.13 1.68 8.72
C LYS F 92 -8.50 1.11 8.40
N SER F 93 -9.03 1.44 7.23
CA SER F 93 -10.39 1.04 6.87
C SER F 93 -10.46 -0.42 6.46
N GLY F 94 -11.50 -1.12 6.89
CA GLY F 94 -11.73 -2.51 6.51
C GLY F 94 -12.80 -2.67 5.45
N LYS G 10 -0.45 -16.53 -15.53
CA LYS G 10 -1.35 -16.68 -16.67
C LYS G 10 -2.03 -15.35 -17.06
N ALA G 11 -1.23 -14.37 -17.49
CA ALA G 11 -1.70 -13.00 -17.75
C ALA G 11 -1.84 -12.62 -19.24
N VAL G 12 -3.03 -12.21 -19.67
CA VAL G 12 -3.26 -11.89 -21.07
C VAL G 12 -3.88 -10.50 -21.26
N ILE G 13 -3.18 -9.65 -22.01
CA ILE G 13 -3.69 -8.30 -22.29
C ILE G 13 -4.45 -8.30 -23.62
N LYS G 14 -5.77 -8.11 -23.54
CA LYS G 14 -6.65 -8.25 -24.69
C LYS G 14 -6.79 -6.99 -25.53
N ASN G 15 -7.11 -5.87 -24.88
CA ASN G 15 -7.22 -4.57 -25.55
C ASN G 15 -6.54 -3.54 -24.68
N ALA G 16 -5.63 -2.76 -25.23
CA ALA G 16 -4.94 -1.76 -24.39
C ALA G 16 -4.63 -0.46 -25.14
N ASP G 17 -5.04 0.66 -24.55
CA ASP G 17 -4.58 1.98 -24.99
C ASP G 17 -3.93 2.58 -23.75
N MET G 18 -2.66 2.27 -23.54
CA MET G 18 -1.99 2.45 -22.27
C MET G 18 -0.50 2.14 -22.42
N SER G 19 0.35 2.80 -21.64
CA SER G 19 1.79 2.53 -21.74
C SER G 19 2.10 1.15 -21.17
N GLU G 20 3.17 0.53 -21.67
CA GLU G 20 3.55 -0.80 -21.23
C GLU G 20 3.81 -0.83 -19.72
N GLU G 21 4.38 0.25 -19.22
CA GLU G 21 4.70 0.33 -17.80
C GLU G 21 3.42 0.37 -16.95
N MET G 22 2.45 1.16 -17.38
CA MET G 22 1.18 1.21 -16.66
C MET G 22 0.43 -0.11 -16.78
N GLN G 23 0.56 -0.77 -17.94
CA GLN G 23 -0.07 -2.07 -18.14
C GLN G 23 0.46 -3.05 -17.13
N GLN G 24 1.79 -3.09 -16.98
CA GLN G 24 2.41 -3.98 -16.01
C GLN G 24 1.96 -3.67 -14.58
N ASP G 25 1.82 -2.38 -14.29
CA ASP G 25 1.28 -1.96 -12.99
C ASP G 25 -0.15 -2.46 -12.77
N ALA G 26 -1.00 -2.35 -13.79
CA ALA G 26 -2.35 -2.88 -13.74
C ALA G 26 -2.34 -4.38 -13.43
N VAL G 27 -1.49 -5.11 -14.16
CA VAL G 27 -1.31 -6.55 -13.92
C VAL G 27 -0.85 -6.87 -12.49
N ASP G 28 0.19 -6.18 -12.02
CA ASP G 28 0.70 -6.38 -10.66
C ASP G 28 -0.37 -6.08 -9.63
N CYS G 29 -1.08 -4.98 -9.85
CA CYS G 29 -2.11 -4.56 -8.92
C CYS G 29 -3.25 -5.60 -8.85
N ALA G 30 -3.72 -6.03 -10.01
CA ALA G 30 -4.79 -7.03 -10.07
C ALA G 30 -4.36 -8.38 -9.46
N THR G 31 -3.10 -8.75 -9.68
CA THR G 31 -2.54 -9.97 -9.07
C THR G 31 -2.63 -9.90 -7.54
N GLN G 32 -2.30 -8.75 -6.97
CA GLN G 32 -2.43 -8.59 -5.52
C GLN G 32 -3.88 -8.58 -5.05
N ALA G 33 -4.75 -7.91 -5.80
CA ALA G 33 -6.19 -7.89 -5.49
C ALA G 33 -6.75 -9.30 -5.40
N LEU G 34 -6.35 -10.13 -6.36
CA LEU G 34 -6.90 -11.47 -6.50
C LEU G 34 -6.44 -12.41 -5.42
N GLU G 35 -5.28 -12.13 -4.83
CA GLU G 35 -4.81 -12.92 -3.69
C GLU G 35 -5.46 -12.44 -2.39
N LYS G 36 -5.81 -11.17 -2.33
CA LYS G 36 -6.45 -10.63 -1.14
C LYS G 36 -7.96 -10.86 -1.06
N TYR G 37 -8.64 -10.84 -2.20
CA TYR G 37 -10.10 -10.87 -2.22
C TYR G 37 -10.65 -11.94 -3.15
N ASN G 38 -11.87 -12.39 -2.87
CA ASN G 38 -12.50 -13.46 -3.64
C ASN G 38 -13.84 -13.03 -4.18
N ILE G 39 -14.18 -11.78 -3.96
CA ILE G 39 -15.46 -11.23 -4.38
C ILE G 39 -15.18 -10.17 -5.45
N GLU G 40 -15.88 -10.22 -6.58
CA GLU G 40 -15.56 -9.37 -7.74
C GLU G 40 -15.57 -7.87 -7.43
N LYS G 41 -16.63 -7.41 -6.78
CA LYS G 41 -16.75 -6.02 -6.32
C LYS G 41 -15.54 -5.58 -5.50
N ASP G 42 -15.12 -6.43 -4.58
CA ASP G 42 -13.99 -6.10 -3.70
C ASP G 42 -12.64 -6.09 -4.44
N ILE G 43 -12.44 -7.03 -5.36
CA ILE G 43 -11.28 -7.01 -6.23
C ILE G 43 -11.24 -5.69 -7.03
N ALA G 44 -12.37 -5.32 -7.64
CA ALA G 44 -12.46 -4.10 -8.42
C ALA G 44 -12.14 -2.86 -7.59
N ALA G 45 -12.71 -2.78 -6.39
CA ALA G 45 -12.50 -1.65 -5.48
C ALA G 45 -11.03 -1.45 -5.14
N TYR G 46 -10.31 -2.54 -4.91
CA TYR G 46 -8.90 -2.48 -4.55
C TYR G 46 -8.10 -1.89 -5.70
N ILE G 47 -8.30 -2.44 -6.90
CA ILE G 47 -7.61 -1.95 -8.11
C ILE G 47 -7.93 -0.47 -8.38
N LYS G 48 -9.21 -0.14 -8.42
CA LYS G 48 -9.69 1.22 -8.63
C LYS G 48 -9.05 2.21 -7.65
N LYS G 49 -9.06 1.87 -6.37
CA LYS G 49 -8.49 2.78 -5.36
C LYS G 49 -6.98 2.92 -5.45
N GLU G 50 -6.28 1.83 -5.77
CA GLU G 50 -4.83 1.84 -5.94
C GLU G 50 -4.43 2.74 -7.11
N PHE G 51 -5.13 2.59 -8.23
CA PHE G 51 -4.85 3.44 -9.38
C PHE G 51 -5.22 4.92 -9.16
N ASP G 52 -6.31 5.17 -8.43
CA ASP G 52 -6.66 6.54 -8.04
C ASP G 52 -5.53 7.14 -7.22
N LYS G 53 -4.98 6.34 -6.31
CA LYS G 53 -3.92 6.78 -5.41
C LYS G 53 -2.60 6.99 -6.16
N LYS G 54 -2.20 5.98 -6.94
CA LYS G 54 -0.94 6.03 -7.68
C LYS G 54 -0.92 7.05 -8.83
N TYR G 55 -1.98 7.08 -9.63
CA TYR G 55 -1.99 7.90 -10.85
C TYR G 55 -2.97 9.05 -10.89
N ASN G 56 -3.56 9.40 -9.75
CA ASN G 56 -4.63 10.43 -9.65
C ASN G 56 -6.00 9.90 -10.12
N PRO G 57 -7.08 10.43 -9.55
CA PRO G 57 -8.44 10.03 -9.96
C PRO G 57 -8.66 10.50 -11.40
N THR G 58 -9.66 10.00 -12.13
CA THR G 58 -10.71 9.12 -11.64
C THR G 58 -10.71 7.83 -12.46
N TRP G 59 -10.49 6.71 -11.79
CA TRP G 59 -10.46 5.40 -12.47
C TRP G 59 -11.74 4.61 -12.22
N HIS G 60 -12.04 3.68 -13.12
CA HIS G 60 -13.23 2.83 -13.00
C HIS G 60 -12.77 1.41 -13.28
N CYS G 61 -13.25 0.47 -12.49
CA CYS G 61 -12.81 -0.92 -12.64
C CYS G 61 -13.99 -1.89 -12.63
N ILE G 62 -14.01 -2.79 -13.60
CA ILE G 62 -15.00 -3.86 -13.66
C ILE G 62 -14.24 -5.19 -13.70
N VAL G 63 -14.72 -6.16 -12.93
CA VAL G 63 -14.03 -7.45 -12.75
C VAL G 63 -15.05 -8.58 -12.84
N GLY G 64 -14.75 -9.61 -13.63
CA GLY G 64 -15.63 -10.76 -13.70
C GLY G 64 -15.24 -11.81 -14.72
N ARG G 65 -16.21 -12.63 -15.10
CA ARG G 65 -16.07 -13.49 -16.28
C ARG G 65 -16.06 -12.54 -17.48
N ASN G 66 -15.44 -12.97 -18.58
CA ASN G 66 -15.36 -12.15 -19.79
C ASN G 66 -16.70 -11.45 -20.07
N PHE G 67 -16.66 -10.15 -20.28
CA PHE G 67 -17.89 -9.39 -20.47
C PHE G 67 -17.69 -8.45 -21.63
N GLY G 68 -18.81 -7.98 -22.20
CA GLY G 68 -18.77 -7.02 -23.28
C GLY G 68 -18.82 -5.63 -22.66
N SER G 69 -18.20 -4.66 -23.32
CA SER G 69 -18.28 -3.32 -22.79
C SER G 69 -18.28 -2.31 -23.92
N TYR G 70 -18.82 -1.13 -23.65
CA TYR G 70 -18.70 -0.04 -24.58
C TYR G 70 -18.58 1.23 -23.74
N VAL G 71 -17.35 1.71 -23.60
CA VAL G 71 -17.07 2.86 -22.75
C VAL G 71 -16.34 3.93 -23.54
N THR G 72 -16.34 5.16 -23.02
CA THR G 72 -15.58 6.25 -23.64
C THR G 72 -14.37 6.53 -22.74
N HIS G 73 -13.16 6.25 -23.23
CA HIS G 73 -11.97 6.36 -22.39
C HIS G 73 -11.10 7.56 -22.73
N GLU G 74 -10.34 8.01 -21.74
CA GLU G 74 -9.33 9.04 -21.94
C GLU G 74 -8.15 8.42 -22.67
N THR G 75 -7.58 9.13 -23.63
CA THR G 75 -6.42 8.61 -24.33
C THR G 75 -5.32 8.13 -23.39
N ARG G 76 -4.72 6.99 -23.74
CA ARG G 76 -3.66 6.31 -23.00
C ARG G 76 -4.08 5.76 -21.62
N HIS G 77 -5.38 5.71 -21.34
CA HIS G 77 -5.86 5.23 -20.04
C HIS G 77 -6.98 4.18 -20.13
N PHE G 78 -6.69 3.07 -20.81
CA PHE G 78 -7.67 2.00 -21.00
C PHE G 78 -6.94 0.66 -21.09
N ILE G 79 -7.39 -0.31 -20.30
CA ILE G 79 -6.89 -1.67 -20.44
C ILE G 79 -7.98 -2.67 -20.11
N TYR G 80 -8.05 -3.72 -20.94
CA TYR G 80 -8.91 -4.87 -20.73
C TYR G 80 -8.01 -6.09 -20.80
N PHE G 81 -8.00 -6.87 -19.72
CA PHE G 81 -7.07 -8.01 -19.61
C PHE G 81 -7.57 -9.12 -18.70
N TYR G 82 -6.90 -10.28 -18.79
CA TYR G 82 -7.23 -11.44 -17.97
C TYR G 82 -6.06 -11.82 -17.06
N LEU G 83 -6.35 -12.08 -15.79
CA LEU G 83 -5.48 -12.89 -14.96
C LEU G 83 -6.21 -14.20 -14.74
N GLY G 84 -5.71 -15.27 -15.34
CA GLY G 84 -6.46 -16.52 -15.36
C GLY G 84 -7.77 -16.32 -16.11
N GLN G 85 -8.87 -16.71 -15.50
CA GLN G 85 -10.19 -16.54 -16.11
C GLN G 85 -10.87 -15.25 -15.65
N VAL G 86 -10.18 -14.46 -14.86
CA VAL G 86 -10.76 -13.20 -14.39
C VAL G 86 -10.50 -12.07 -15.37
N ALA G 87 -11.55 -11.59 -16.05
CA ALA G 87 -11.42 -10.44 -16.93
C ALA G 87 -11.49 -9.15 -16.11
N ILE G 88 -10.65 -8.18 -16.47
CA ILE G 88 -10.60 -6.89 -15.79
C ILE G 88 -10.60 -5.73 -16.79
N LEU G 89 -11.50 -4.79 -16.61
CA LEU G 89 -11.53 -3.56 -17.40
C LEU G 89 -11.19 -2.44 -16.45
N LEU G 90 -10.19 -1.63 -16.80
CA LEU G 90 -9.70 -0.54 -15.96
C LEU G 90 -9.44 0.66 -16.86
N PHE G 91 -10.10 1.79 -16.57
CA PHE G 91 -9.99 2.96 -17.45
C PHE G 91 -10.33 4.27 -16.74
N LYS G 92 -9.89 5.37 -17.32
CA LYS G 92 -10.38 6.70 -16.94
C LYS G 92 -11.33 7.12 -18.05
N SER G 93 -12.42 7.80 -17.70
CA SER G 93 -13.40 8.18 -18.70
C SER G 93 -12.88 9.31 -19.57
N GLY G 94 -13.26 9.31 -20.84
CA GLY G 94 -12.91 10.41 -21.72
C GLY G 94 -13.93 11.52 -21.55
N ALA H 11 -37.13 -7.33 -15.31
CA ALA H 11 -35.78 -6.92 -14.90
C ALA H 11 -35.65 -6.96 -13.38
N VAL H 12 -34.49 -7.42 -12.91
CA VAL H 12 -34.17 -7.45 -11.48
C VAL H 12 -33.08 -6.41 -11.17
N ILE H 13 -33.48 -5.36 -10.47
CA ILE H 13 -32.55 -4.27 -10.20
C ILE H 13 -31.72 -4.57 -8.94
N LYS H 14 -30.42 -4.75 -9.13
CA LYS H 14 -29.54 -5.16 -8.04
C LYS H 14 -28.99 -3.97 -7.27
N ASN H 15 -28.59 -2.94 -8.01
CA ASN H 15 -28.15 -1.71 -7.38
C ASN H 15 -28.45 -0.53 -8.26
N ALA H 16 -29.09 0.47 -7.69
CA ALA H 16 -29.45 1.61 -8.51
C ALA H 16 -29.34 2.89 -7.70
N ASP H 17 -28.88 3.92 -8.40
CA ASP H 17 -28.91 5.26 -7.87
C ASP H 17 -29.25 6.09 -9.07
N MET H 18 -30.56 6.22 -9.31
CA MET H 18 -31.07 6.74 -10.57
C MET H 18 -32.58 6.91 -10.40
N SER H 19 -33.14 7.98 -10.97
CA SER H 19 -34.58 8.24 -10.91
C SER H 19 -35.37 7.05 -11.47
N GLU H 20 -36.58 6.85 -10.97
CA GLU H 20 -37.43 5.74 -11.42
C GLU H 20 -37.63 5.76 -12.92
N GLU H 21 -37.98 6.92 -13.45
CA GLU H 21 -38.20 7.10 -14.87
C GLU H 21 -36.99 6.65 -15.70
N MET H 22 -35.80 7.16 -15.34
CA MET H 22 -34.57 6.80 -16.05
C MET H 22 -34.26 5.31 -15.95
N GLN H 23 -34.52 4.71 -14.79
CA GLN H 23 -34.37 3.28 -14.61
C GLN H 23 -35.20 2.50 -15.63
N GLN H 24 -36.46 2.89 -15.79
CA GLN H 24 -37.36 2.19 -16.70
C GLN H 24 -36.92 2.36 -18.15
N ASP H 25 -36.39 3.53 -18.45
CA ASP H 25 -35.82 3.82 -19.76
C ASP H 25 -34.63 2.91 -20.03
N ALA H 26 -33.76 2.77 -19.02
CA ALA H 26 -32.63 1.85 -19.10
C ALA H 26 -33.09 0.42 -19.35
N VAL H 27 -34.06 -0.02 -18.55
CA VAL H 27 -34.63 -1.36 -18.75
C VAL H 27 -35.26 -1.54 -20.15
N ASP H 28 -36.06 -0.56 -20.58
CA ASP H 28 -36.66 -0.58 -21.92
C ASP H 28 -35.62 -0.55 -23.02
N CYS H 29 -34.60 0.28 -22.84
CA CYS H 29 -33.51 0.34 -23.80
C CYS H 29 -32.78 -1.01 -23.88
N ALA H 30 -32.44 -1.60 -22.74
CA ALA H 30 -31.72 -2.89 -22.74
C ALA H 30 -32.59 -4.03 -23.28
N THR H 31 -33.89 -3.95 -23.05
CA THR H 31 -34.82 -4.93 -23.61
C THR H 31 -34.74 -4.96 -25.13
N GLN H 32 -34.86 -3.79 -25.77
CA GLN H 32 -34.67 -3.65 -27.21
C GLN H 32 -33.31 -4.21 -27.67
N ALA H 33 -32.25 -3.85 -26.95
CA ALA H 33 -30.91 -4.30 -27.30
C ALA H 33 -30.85 -5.82 -27.38
N LEU H 34 -31.36 -6.47 -26.34
CA LEU H 34 -31.33 -7.93 -26.23
C LEU H 34 -32.22 -8.62 -27.28
N GLU H 35 -33.30 -7.98 -27.67
CA GLU H 35 -34.14 -8.50 -28.75
C GLU H 35 -33.38 -8.47 -30.07
N LYS H 36 -32.46 -7.54 -30.20
CA LYS H 36 -31.79 -7.31 -31.47
C LYS H 36 -30.43 -7.99 -31.58
N TYR H 37 -29.67 -7.97 -30.48
CA TYR H 37 -28.28 -8.37 -30.49
C TYR H 37 -28.01 -9.56 -29.56
N ASN H 38 -27.12 -10.45 -29.99
CA ASN H 38 -26.69 -11.57 -29.15
C ASN H 38 -25.34 -11.35 -28.48
N ILE H 39 -24.50 -10.57 -29.13
CA ILE H 39 -23.13 -10.39 -28.68
C ILE H 39 -23.06 -9.26 -27.65
N GLU H 40 -22.42 -9.52 -26.51
CA GLU H 40 -22.47 -8.61 -25.36
C GLU H 40 -21.98 -7.19 -25.64
N LYS H 41 -20.88 -7.09 -26.39
CA LYS H 41 -20.34 -5.80 -26.77
C LYS H 41 -21.32 -5.03 -27.67
N ASP H 42 -22.07 -5.77 -28.49
CA ASP H 42 -23.08 -5.16 -29.36
C ASP H 42 -24.25 -4.65 -28.56
N ILE H 43 -24.64 -5.41 -27.55
CA ILE H 43 -25.70 -4.97 -26.64
C ILE H 43 -25.27 -3.70 -25.84
N ALA H 44 -24.09 -3.75 -25.24
CA ALA H 44 -23.54 -2.59 -24.53
C ALA H 44 -23.46 -1.35 -25.41
N ALA H 45 -22.99 -1.52 -26.64
CA ALA H 45 -22.86 -0.39 -27.57
C ALA H 45 -24.19 0.27 -27.82
N TYR H 46 -25.23 -0.54 -28.04
CA TYR H 46 -26.56 -0.05 -28.33
C TYR H 46 -27.08 0.82 -27.19
N ILE H 47 -26.98 0.31 -25.98
CA ILE H 47 -27.46 1.04 -24.80
C ILE H 47 -26.66 2.33 -24.57
N LYS H 48 -25.33 2.23 -24.62
CA LYS H 48 -24.48 3.41 -24.37
C LYS H 48 -24.85 4.54 -25.32
N LYS H 49 -24.88 4.22 -26.61
CA LYS H 49 -25.19 5.21 -27.64
C LYS H 49 -26.59 5.81 -27.50
N GLU H 50 -27.59 4.99 -27.17
CA GLU H 50 -28.95 5.50 -26.97
C GLU H 50 -29.00 6.47 -25.80
N PHE H 51 -28.30 6.14 -24.73
CA PHE H 51 -28.32 7.03 -23.57
C PHE H 51 -27.54 8.33 -23.83
N ASP H 52 -26.40 8.23 -24.51
CA ASP H 52 -25.66 9.42 -24.93
C ASP H 52 -26.58 10.36 -25.72
N LYS H 53 -27.43 9.79 -26.56
CA LYS H 53 -28.32 10.56 -27.43
C LYS H 53 -29.50 11.12 -26.65
N LYS H 54 -30.08 10.28 -25.80
CA LYS H 54 -31.28 10.55 -25.03
C LYS H 54 -31.06 11.52 -23.87
N TYR H 55 -29.93 11.35 -23.17
CA TYR H 55 -29.69 12.02 -21.89
C TYR H 55 -28.36 12.81 -21.85
N ASN H 56 -27.73 12.97 -23.03
CA ASN H 56 -26.41 13.61 -23.21
C ASN H 56 -25.25 12.70 -22.78
N PRO H 57 -24.09 12.82 -23.46
CA PRO H 57 -22.87 12.08 -23.06
C PRO H 57 -22.43 12.52 -21.66
N THR H 58 -21.58 11.76 -20.96
CA THR H 58 -20.94 10.53 -21.46
C THR H 58 -21.32 9.31 -20.64
N TRP H 59 -21.94 8.34 -21.29
CA TRP H 59 -22.34 7.11 -20.62
C TRP H 59 -21.34 5.99 -20.89
N HIS H 60 -21.31 5.01 -19.99
CA HIS H 60 -20.51 3.80 -20.17
C HIS H 60 -21.38 2.57 -19.87
N CYS H 61 -21.21 1.49 -20.61
CA CYS H 61 -22.09 0.33 -20.44
C CYS H 61 -21.31 -0.97 -20.51
N ILE H 62 -21.60 -1.86 -19.55
CA ILE H 62 -20.96 -3.18 -19.47
C ILE H 62 -22.09 -4.21 -19.47
N VAL H 63 -21.93 -5.28 -20.24
CA VAL H 63 -22.95 -6.33 -20.34
C VAL H 63 -22.29 -7.70 -20.21
N GLY H 64 -22.75 -8.51 -19.29
CA GLY H 64 -22.16 -9.84 -19.14
C GLY H 64 -22.95 -10.72 -18.19
N ARG H 65 -22.54 -11.98 -18.04
CA ARG H 65 -23.24 -12.92 -17.17
C ARG H 65 -22.87 -12.76 -15.70
N ASN H 66 -21.64 -12.33 -15.44
CA ASN H 66 -21.08 -12.40 -14.10
C ASN H 66 -19.93 -11.43 -13.93
N PHE H 67 -20.20 -10.30 -13.31
CA PHE H 67 -19.14 -9.33 -13.02
C PHE H 67 -19.52 -8.50 -11.81
N GLY H 68 -18.51 -7.85 -11.23
CA GLY H 68 -18.71 -6.89 -10.16
C GLY H 68 -18.02 -5.60 -10.57
N SER H 69 -18.38 -4.48 -9.96
CA SER H 69 -17.75 -3.23 -10.37
C SER H 69 -17.42 -2.35 -9.20
N TYR H 70 -16.52 -1.40 -9.44
CA TYR H 70 -16.31 -0.32 -8.51
C TYR H 70 -15.88 0.88 -9.35
N VAL H 71 -16.82 1.79 -9.52
CA VAL H 71 -16.67 2.92 -10.42
C VAL H 71 -17.07 4.20 -9.68
N THR H 72 -16.69 5.34 -10.23
CA THR H 72 -17.08 6.62 -9.62
C THR H 72 -18.16 7.19 -10.50
N HIS H 73 -19.42 7.01 -10.09
CA HIS H 73 -20.50 7.52 -10.90
C HIS H 73 -20.97 8.89 -10.43
N GLU H 74 -21.47 9.66 -11.38
CA GLU H 74 -22.15 10.90 -11.10
C GLU H 74 -23.44 10.54 -10.37
N THR H 75 -23.66 11.13 -9.20
CA THR H 75 -24.79 10.73 -8.36
C THR H 75 -26.11 10.85 -9.16
N ARG H 76 -27.00 9.88 -8.98
CA ARG H 76 -28.26 9.74 -9.75
C ARG H 76 -28.05 9.21 -11.17
N HIS H 77 -26.85 8.76 -11.51
CA HIS H 77 -26.61 8.17 -12.83
C HIS H 77 -25.91 6.80 -12.81
N PHE H 78 -26.47 5.86 -12.07
CA PHE H 78 -25.91 4.52 -11.95
C PHE H 78 -27.02 3.49 -11.91
N ILE H 79 -26.91 2.44 -12.71
CA ILE H 79 -27.84 1.33 -12.59
C ILE H 79 -27.15 0.02 -12.94
N TYR H 80 -27.36 -0.97 -12.07
CA TYR H 80 -26.86 -2.32 -12.25
C TYR H 80 -28.06 -3.26 -12.16
N PHE H 81 -28.37 -3.95 -13.26
CA PHE H 81 -29.54 -4.82 -13.24
C PHE H 81 -29.40 -6.08 -14.08
N TYR H 82 -30.25 -7.06 -13.80
CA TYR H 82 -30.34 -8.26 -14.60
C TYR H 82 -31.61 -8.26 -15.46
N LEU H 83 -31.46 -8.66 -16.72
CA LEU H 83 -32.60 -9.03 -17.55
C LEU H 83 -32.45 -10.50 -17.88
N GLY H 84 -33.12 -11.36 -17.11
CA GLY H 84 -32.90 -12.78 -17.25
C GLY H 84 -31.50 -13.10 -16.79
N GLN H 85 -30.73 -13.80 -17.63
CA GLN H 85 -29.38 -14.22 -17.27
C GLN H 85 -28.29 -13.22 -17.67
N VAL H 86 -28.74 -12.04 -18.10
CA VAL H 86 -27.83 -11.00 -18.58
C VAL H 86 -27.75 -9.87 -17.55
N ALA H 87 -26.54 -9.56 -17.08
CA ALA H 87 -26.34 -8.42 -16.17
C ALA H 87 -25.92 -7.15 -16.91
N ILE H 88 -26.50 -6.00 -16.54
CA ILE H 88 -26.18 -4.75 -17.23
C ILE H 88 -25.82 -3.64 -16.25
N LEU H 89 -24.69 -2.99 -16.53
CA LEU H 89 -24.23 -1.84 -15.76
C LEU H 89 -24.18 -0.63 -16.70
N LEU H 90 -24.84 0.45 -16.31
CA LEU H 90 -24.92 1.68 -17.12
C LEU H 90 -24.73 2.90 -16.21
N PHE H 91 -23.76 3.76 -16.52
CA PHE H 91 -23.48 4.91 -15.65
C PHE H 91 -22.76 6.03 -16.37
N LYS H 92 -22.86 7.23 -15.81
CA LYS H 92 -21.99 8.35 -16.19
C LYS H 92 -20.94 8.55 -15.12
N SER H 93 -19.73 8.90 -15.54
CA SER H 93 -18.61 9.05 -14.60
C SER H 93 -18.77 10.30 -13.78
N GLY H 94 -18.40 10.21 -12.51
CA GLY H 94 -18.32 11.39 -11.67
C GLY H 94 -16.87 11.84 -11.60
#